data_2PN9
#
_entry.id   2PN9
#
loop_
_entity.id
_entity.type
_entity.pdbx_description
1 polymer "5'-R(*GP*GP*AP*GP*CP*CP*UP*GP*GP*GP*AP*GP*CP*UP*CP*C)-3'"
2 polymer 'RNA 16-mer with locked residues 9-10'
#
loop_
_entity_poly.entity_id
_entity_poly.type
_entity_poly.pdbx_seq_one_letter_code
_entity_poly.pdbx_strand_id
1 'polyribonucleotide' GGAGCCUGGGAGCUCC A
2 'polyribonucleotide' CACGGUCC(10C)(LCA)GACGUG B
#